data_1SEU
#
_entry.id   1SEU
#
_cell.length_a   57.382
_cell.length_b   115.965
_cell.length_c   73.547
_cell.angle_alpha   90.00
_cell.angle_beta   93.71
_cell.angle_gamma   90.00
#
_symmetry.space_group_name_H-M   'P 1 21 1'
#
loop_
_entity.id
_entity.type
_entity.pdbx_description
1 polymer "5'-D(*AP*AP*AP*AP*AP*GP*AP*CP*TP*T)-3'"
2 polymer "5'-D(*(TGP)P*GP*AP*AP*AP*AP*AP*TP*TP*TP*TP*T)-3'"
3 polymer "5'-D(*AP*AP*AP*AP*AP*TP*TP*TP*TP*TP*CP*CP*AP*AP*GP*TP*CP*TP*TP*TP*TP*T)-3'"
4 polymer 'DNA topoisomerase I'
5 non-polymer 2,10-DIHYDROXY-12-(BETA-D-GLUCOPYRANOSYL)-6,7,12,13-TETRAHYDROINDOLO[2,3-A]PYRROLO[3,4-C]CARBAZOLE-5,7-DIONE
#
loop_
_entity_poly.entity_id
_entity_poly.type
_entity_poly.pdbx_seq_one_letter_code
_entity_poly.pdbx_strand_id
1 'polydeoxyribonucleotide' (DA)(DA)(DA)(DA)(DA)(DG)(DA)(DC)(DT)(DT) B
2 'polydeoxyribonucleotide' (TGP)(DG)(DA)(DA)(DA)(DA)(DA)(DT)(DT)(DT)(DT)(DT) C
3 'polydeoxyribonucleotide'
;(DA)(DA)(DA)(DA)(DA)(DT)(DT)(DT)(DT)(DT)(DC)(DC)(DA)(DA)(DG)(DT)(DC)(DT)(DT)(DT)
(DT)(DT)
;
D
4 'polypeptide(L)'
;KKPKNKDKDKKVPEPDNKKKKPKKEEEQKWKWWEEERYPEGIKWKFLEHKGPVFAPPYEPLPENVKFYYDGKVMKLSPKA
EEVATFFAKMLDHEYTTKEIFRKNFFKDWRKEMTNEEKNIITNLSKCDFTQMSQYFKAQTEARKQMSKEEKLKIKEENEK
LLKEYGFCIMDNHKERIANFKIEPPGLFRGRGNHPKMGMLKRRIMPEDIIINCSKDAKVPSPPPGHKWKEVRHDNKVTWL
VSWTENIQGSIKYIMLNPSSRIKGEKDWQKYETARRLKKCVDKIRNQYREDWKSKEMKVRQRAVALYFIDKLALRAGNEK
EEGETADTVGCCSLRVEHINLHPELDGQEYVVEFDFLGKDSIRYYNKVPVEKRVFKNLQLFMENKQPEDDLFDRLNTGIL
NKHLQDLMEGLTAKVFRTYNASITLQQQLKELTAPDENIPAKILSYNRANRAVAILCNHQRAPPKTFEKSMMNLQTKIDA
KKEQLADARRDLKSAKADAKVMKDAKTKKVVESKKKAVQRLEEQLMKLEVQATDREENKQIALGTSKLS(PTR)LDPRIT
VAWCKKWGVPIEKIYNKTQREKFAWAIDMADEDYEF
;
A
#
loop_
_chem_comp.id
_chem_comp.type
_chem_comp.name
_chem_comp.formula
DA DNA linking 2'-DEOXYADENOSINE-5'-MONOPHOSPHATE 'C10 H14 N5 O6 P'
DC DNA linking 2'-DEOXYCYTIDINE-5'-MONOPHOSPHATE 'C9 H14 N3 O7 P'
DG DNA linking 2'-DEOXYGUANOSINE-5'-MONOPHOSPHATE 'C10 H14 N5 O7 P'
DT DNA linking THYMIDINE-5'-MONOPHOSPHATE 'C10 H15 N2 O8 P'
SA3 non-polymer 2,10-DIHYDROXY-12-(BETA-D-GLUCOPYRANOSYL)-6,7,12,13-TETRAHYDROINDOLO[2,3-A]PYRROLO[3,4-C]CARBAZOLE-5,7-DIONE 'C26 H21 N3 O9'
TGP DNA linking '5'-THIO-2'-DEOXY-GUANOSINE PHOSPHONIC ACID' 'C10 H14 N5 O6 P S'
#
# COMPACT_ATOMS: atom_id res chain seq x y z
S5' TGP B 1 0.03 2.26 -2.52
N9 TGP B 1 1.74 2.37 1.16
C4 TGP B 1 2.69 2.38 2.14
N3 TGP B 1 2.75 1.53 3.17
C2 TGP B 1 3.82 1.75 3.92
N2 TGP B 1 4.07 0.95 4.98
N1 TGP B 1 4.72 2.77 3.69
C6 TGP B 1 4.66 3.66 2.63
O6 TGP B 1 5.51 4.54 2.51
C5 TGP B 1 3.54 3.41 1.81
N7 TGP B 1 3.13 4.03 0.64
C8 TGP B 1 2.06 3.38 0.29
C2' TGP B 1 -0.68 2.11 0.62
C5' TGP B 1 0.04 0.48 -2.21
C4' TGP B 1 -0.24 0.20 -0.75
O4' TGP B 1 0.93 0.51 0.04
C1' TGP B 1 0.61 1.45 1.05
C3' TGP B 1 -1.40 1.00 -0.14
O3' TGP B 1 -2.11 0.18 0.77
N GLN D 28 5.14 27.35 -13.20
CA GLN D 28 5.37 27.00 -14.63
C GLN D 28 4.78 25.63 -15.01
N LYS D 29 5.18 24.58 -14.27
CA LYS D 29 4.75 23.18 -14.46
C LYS D 29 5.28 22.47 -15.73
N TRP D 30 6.17 21.50 -15.51
CA TRP D 30 6.76 20.72 -16.59
C TRP D 30 5.89 19.55 -17.02
N LYS D 31 5.59 19.54 -18.32
CA LYS D 31 4.80 18.51 -18.97
C LYS D 31 5.77 17.54 -19.64
N TRP D 32 6.37 16.65 -18.84
CA TRP D 32 7.34 15.65 -19.35
C TRP D 32 6.80 14.63 -20.37
N TRP D 33 5.50 14.36 -20.27
CA TRP D 33 4.76 13.41 -21.12
C TRP D 33 4.61 13.81 -22.57
N GLU D 34 4.90 15.07 -22.87
CA GLU D 34 4.83 15.57 -24.22
C GLU D 34 6.18 15.48 -24.91
N GLU D 35 7.23 15.30 -24.11
CA GLU D 35 8.60 15.18 -24.61
C GLU D 35 8.85 13.85 -25.32
N GLU D 36 9.98 13.78 -26.02
CA GLU D 36 10.41 12.60 -26.74
C GLU D 36 10.88 11.58 -25.70
N ARG D 37 10.36 10.35 -25.79
CA ARG D 37 10.69 9.26 -24.84
C ARG D 37 12.21 9.08 -24.67
N TYR D 38 12.61 8.73 -23.44
CA TYR D 38 14.01 8.54 -23.11
C TYR D 38 14.58 7.25 -23.74
N PRO D 39 15.73 7.35 -24.47
CA PRO D 39 16.35 6.18 -25.11
C PRO D 39 16.70 5.10 -24.09
N GLU D 40 16.39 3.84 -24.41
CA GLU D 40 16.66 2.71 -23.52
C GLU D 40 18.17 2.59 -23.24
N GLY D 41 18.51 2.43 -21.96
CA GLY D 41 19.89 2.33 -21.54
C GLY D 41 20.15 3.39 -20.49
N ILE D 42 20.11 4.66 -20.92
CA ILE D 42 20.33 5.82 -20.04
C ILE D 42 19.04 6.24 -19.33
N LYS D 43 19.17 6.64 -18.06
CA LYS D 43 18.04 7.07 -17.24
C LYS D 43 18.10 8.60 -17.02
N TRP D 44 19.33 9.13 -17.00
CA TRP D 44 19.58 10.56 -16.81
C TRP D 44 20.94 10.99 -17.38
N LYS D 45 21.10 12.27 -17.67
CA LYS D 45 22.36 12.81 -18.20
C LYS D 45 23.07 13.56 -17.07
N PHE D 46 22.28 14.30 -16.30
CA PHE D 46 22.74 15.12 -15.16
C PHE D 46 21.99 14.73 -13.86
N LEU D 47 22.70 14.79 -12.73
CA LEU D 47 22.12 14.49 -11.43
C LEU D 47 22.92 15.13 -10.29
N GLU D 48 22.27 16.05 -9.55
CA GLU D 48 22.89 16.72 -8.41
C GLU D 48 21.92 16.81 -7.24
N HIS D 49 22.39 16.41 -6.07
CA HIS D 49 21.59 16.43 -4.84
C HIS D 49 22.46 16.66 -3.60
N LYS D 50 21.88 17.26 -2.57
CA LYS D 50 22.57 17.55 -1.30
C LYS D 50 22.72 16.31 -0.39
N GLY D 51 22.56 15.13 -1.00
CA GLY D 51 22.69 13.87 -0.29
C GLY D 51 21.50 13.53 0.61
N PRO D 52 21.67 12.61 1.58
CA PRO D 52 20.61 12.19 2.51
C PRO D 52 20.65 12.94 3.85
N VAL D 53 19.53 12.91 4.56
CA VAL D 53 19.44 13.53 5.87
C VAL D 53 19.51 12.38 6.84
N PHE D 54 20.36 12.55 7.85
CA PHE D 54 20.53 11.52 8.86
C PHE D 54 19.56 11.60 9.99
N ALA D 55 19.27 10.43 10.53
CA ALA D 55 18.35 10.21 11.64
C ALA D 55 18.83 10.95 12.87
N PRO D 56 17.94 11.75 13.49
CA PRO D 56 18.24 12.54 14.71
C PRO D 56 18.97 11.73 15.78
N PRO D 57 20.06 12.28 16.35
CA PRO D 57 20.83 11.56 17.37
C PRO D 57 20.02 11.20 18.64
N TYR D 58 20.59 10.30 19.44
CA TYR D 58 19.97 9.85 20.69
C TYR D 58 20.01 10.97 21.72
N GLU D 59 18.85 11.28 22.29
CA GLU D 59 18.75 12.30 23.35
C GLU D 59 18.72 11.37 24.59
N PRO D 60 19.75 11.42 25.46
CA PRO D 60 19.80 10.56 26.64
C PRO D 60 18.65 10.70 27.64
N LEU D 61 18.50 9.67 28.49
CA LEU D 61 17.46 9.65 29.51
C LEU D 61 17.96 10.50 30.65
N PRO D 62 17.10 11.37 31.22
CA PRO D 62 17.50 12.23 32.34
C PRO D 62 17.88 11.50 33.64
N GLU D 63 18.44 12.22 34.61
CA GLU D 63 18.83 11.63 35.88
C GLU D 63 17.67 10.99 36.66
N ASN D 64 16.44 11.44 36.38
CA ASN D 64 15.26 10.91 37.07
C ASN D 64 14.63 9.63 36.52
N VAL D 65 14.94 9.27 35.28
CA VAL D 65 14.39 8.06 34.65
C VAL D 65 15.38 6.89 34.77
N LYS D 66 15.08 5.96 35.66
CA LYS D 66 15.95 4.81 35.94
C LYS D 66 15.59 3.43 35.41
N PHE D 67 16.64 2.70 35.04
CA PHE D 67 16.53 1.34 34.55
C PHE D 67 16.94 0.48 35.74
N TYR D 68 16.18 -0.59 35.97
CA TYR D 68 16.44 -1.52 37.05
C TYR D 68 16.80 -2.88 36.49
N TYR D 69 17.56 -3.63 37.27
CA TYR D 69 17.95 -4.99 36.94
C TYR D 69 18.08 -5.71 38.27
N ASP D 70 17.20 -6.69 38.46
CA ASP D 70 17.12 -7.51 39.67
C ASP D 70 16.71 -6.63 40.85
N GLY D 71 15.97 -5.57 40.54
CA GLY D 71 15.49 -4.63 41.54
C GLY D 71 16.48 -3.62 42.05
N LYS D 72 17.72 -3.70 41.57
CA LYS D 72 18.77 -2.77 41.96
C LYS D 72 18.91 -1.83 40.76
N VAL D 73 19.19 -0.55 41.01
CA VAL D 73 19.34 0.46 39.94
C VAL D 73 20.60 0.19 39.10
N MET D 74 20.51 0.55 37.83
CA MET D 74 21.64 0.41 36.91
C MET D 74 21.62 1.53 35.89
N LYS D 75 22.76 2.20 35.77
CA LYS D 75 22.93 3.26 34.80
C LYS D 75 23.48 2.49 33.60
N LEU D 76 22.85 2.68 32.45
CA LEU D 76 23.29 1.98 31.24
C LEU D 76 24.10 2.87 30.33
N SER D 77 25.13 2.26 29.73
CA SER D 77 26.01 2.95 28.80
C SER D 77 25.17 3.37 27.57
N PRO D 78 25.45 4.55 26.98
CA PRO D 78 24.75 5.10 25.81
C PRO D 78 24.38 4.20 24.62
N LYS D 79 25.11 3.10 24.45
CA LYS D 79 24.84 2.16 23.36
C LYS D 79 23.70 1.24 23.79
N ALA D 80 23.87 0.61 24.94
CA ALA D 80 22.87 -0.30 25.49
C ALA D 80 21.58 0.41 25.91
N GLU D 81 21.70 1.63 26.46
CA GLU D 81 20.55 2.42 26.90
C GLU D 81 19.71 2.79 25.69
N GLU D 82 20.36 2.88 24.52
CA GLU D 82 19.66 3.22 23.29
C GLU D 82 18.81 2.05 22.81
N VAL D 83 19.34 0.84 22.94
CA VAL D 83 18.59 -0.33 22.52
C VAL D 83 17.49 -0.60 23.54
N ALA D 84 17.74 -0.18 24.78
CA ALA D 84 16.78 -0.36 25.87
C ALA D 84 15.54 0.46 25.59
N THR D 85 15.77 1.71 25.13
CA THR D 85 14.68 2.63 24.79
C THR D 85 13.80 2.10 23.69
N PHE D 86 14.40 1.29 22.80
CA PHE D 86 13.71 0.70 21.66
C PHE D 86 12.78 -0.43 22.04
N PHE D 87 13.03 -1.01 23.21
CA PHE D 87 12.21 -2.10 23.74
C PHE D 87 11.20 -1.47 24.69
N ALA D 88 11.63 -0.44 25.41
CA ALA D 88 10.79 0.28 26.36
C ALA D 88 9.56 0.94 25.71
N LYS D 89 9.76 1.52 24.52
CA LYS D 89 8.71 2.19 23.77
C LYS D 89 7.60 1.25 23.25
N MET D 90 7.98 0.02 22.86
CA MET D 90 7.02 -0.97 22.36
C MET D 90 6.42 -1.84 23.49
N LEU D 91 6.73 -1.53 24.76
CA LEU D 91 6.27 -2.31 25.91
C LEU D 91 4.78 -2.56 26.07
N ASP D 92 3.96 -1.66 25.55
CA ASP D 92 2.49 -1.75 25.61
C ASP D 92 1.94 -2.68 24.50
N HIS D 93 2.84 -3.20 23.65
CA HIS D 93 2.48 -4.12 22.57
C HIS D 93 2.46 -5.57 23.07
N GLU D 94 1.95 -6.46 22.22
CA GLU D 94 1.80 -7.86 22.55
C GLU D 94 2.96 -8.72 22.03
N TYR D 95 3.68 -8.24 21.02
CA TYR D 95 4.81 -9.02 20.49
C TYR D 95 6.05 -9.06 21.38
N THR D 96 6.12 -8.17 22.37
CA THR D 96 7.25 -8.13 23.31
C THR D 96 7.22 -9.27 24.33
N THR D 97 6.27 -10.19 24.14
CA THR D 97 6.14 -11.38 24.99
C THR D 97 6.40 -12.62 24.16
N LYS D 98 6.59 -12.44 22.85
CA LYS D 98 6.86 -13.56 21.96
C LYS D 98 8.29 -14.05 22.13
N GLU D 99 8.48 -15.36 22.00
CA GLU D 99 9.80 -15.96 22.15
C GLU D 99 10.83 -15.42 21.19
N ILE D 100 10.50 -15.37 19.90
CA ILE D 100 11.44 -14.88 18.88
C ILE D 100 11.83 -13.42 19.08
N PHE D 101 10.85 -12.57 19.35
CA PHE D 101 11.09 -11.14 19.56
C PHE D 101 12.01 -10.90 20.74
N ARG D 102 11.88 -11.73 21.77
CA ARG D 102 12.69 -11.59 22.96
C ARG D 102 14.05 -12.27 22.88
N LYS D 103 14.14 -13.33 22.08
CA LYS D 103 15.40 -14.05 21.91
C LYS D 103 16.30 -13.16 21.09
N ASN D 104 15.80 -12.82 19.91
CA ASN D 104 16.49 -11.98 18.94
C ASN D 104 16.94 -10.66 19.53
N PHE D 105 16.03 -10.00 20.26
CA PHE D 105 16.32 -8.71 20.90
C PHE D 105 17.49 -8.80 21.88
N PHE D 106 17.38 -9.74 22.81
CA PHE D 106 18.41 -9.93 23.82
C PHE D 106 19.77 -10.30 23.23
N LYS D 107 19.78 -10.97 22.08
CA LYS D 107 21.04 -11.34 21.42
C LYS D 107 21.75 -10.07 20.98
N ASP D 108 21.02 -9.24 20.24
CA ASP D 108 21.51 -7.98 19.71
C ASP D 108 21.72 -6.93 20.79
N TRP D 109 21.12 -7.12 21.95
CA TRP D 109 21.31 -6.17 23.05
C TRP D 109 22.60 -6.50 23.78
N ARG D 110 22.88 -7.81 23.97
CA ARG D 110 24.09 -8.28 24.65
C ARG D 110 25.38 -7.83 23.92
N LYS D 111 25.29 -7.72 22.59
CA LYS D 111 26.41 -7.28 21.75
C LYS D 111 26.74 -5.83 22.07
N GLU D 112 25.70 -5.00 22.05
CA GLU D 112 25.78 -3.56 22.31
C GLU D 112 26.17 -3.13 23.73
N MET D 113 26.36 -4.10 24.62
CA MET D 113 26.73 -3.82 26.00
C MET D 113 28.24 -3.80 26.25
N THR D 114 28.64 -3.22 27.38
CA THR D 114 30.06 -3.17 27.77
C THR D 114 30.43 -4.55 28.37
N ASN D 115 31.71 -4.75 28.64
CA ASN D 115 32.17 -6.03 29.21
C ASN D 115 31.75 -6.24 30.66
N GLU D 116 31.41 -5.14 31.35
CA GLU D 116 30.95 -5.16 32.73
C GLU D 116 29.44 -5.37 32.80
N GLU D 117 28.73 -4.89 31.79
CA GLU D 117 27.27 -5.03 31.71
C GLU D 117 26.88 -6.43 31.20
N LYS D 118 27.73 -7.00 30.34
CA LYS D 118 27.53 -8.33 29.77
C LYS D 118 27.62 -9.36 30.89
N ASN D 119 28.33 -8.98 31.95
CA ASN D 119 28.55 -9.82 33.14
C ASN D 119 27.44 -9.81 34.17
N ILE D 120 26.63 -8.75 34.18
CA ILE D 120 25.52 -8.63 35.12
C ILE D 120 24.19 -9.04 34.46
N ILE D 121 23.94 -8.47 33.29
CA ILE D 121 22.72 -8.71 32.53
C ILE D 121 22.71 -10.02 31.75
N THR D 122 22.32 -11.07 32.47
CA THR D 122 22.24 -12.43 31.93
C THR D 122 20.96 -12.72 31.14
N ASN D 123 19.85 -12.09 31.53
CA ASN D 123 18.55 -12.26 30.87
C ASN D 123 17.72 -10.97 30.83
N LEU D 124 16.77 -10.95 29.90
CA LEU D 124 15.86 -9.84 29.66
C LEU D 124 14.73 -9.79 30.67
N SER D 125 14.34 -10.97 31.13
CA SER D 125 13.24 -11.16 32.06
C SER D 125 13.44 -10.54 33.45
N LYS D 126 14.70 -10.34 33.82
CA LYS D 126 15.06 -9.75 35.11
C LYS D 126 15.38 -8.26 35.00
N CYS D 127 15.02 -7.66 33.85
CA CYS D 127 15.23 -6.24 33.59
C CYS D 127 13.92 -5.52 33.75
N ASP D 128 13.97 -4.29 34.23
CA ASP D 128 12.76 -3.50 34.42
C ASP D 128 12.79 -2.20 33.58
N PHE D 129 11.94 -2.18 32.55
CA PHE D 129 11.85 -1.06 31.62
C PHE D 129 10.71 -0.11 31.91
N THR D 130 9.95 -0.40 32.95
CA THR D 130 8.78 0.38 33.35
C THR D 130 8.94 1.90 33.53
N GLN D 131 10.08 2.32 34.07
CA GLN D 131 10.31 3.74 34.31
C GLN D 131 10.62 4.48 33.00
N MET D 132 11.22 3.74 32.07
CA MET D 132 11.57 4.26 30.76
C MET D 132 10.32 4.35 29.92
N SER D 133 9.50 3.31 29.98
CA SER D 133 8.27 3.26 29.23
C SER D 133 7.30 4.36 29.66
N GLN D 134 7.25 4.64 30.96
CA GLN D 134 6.37 5.68 31.51
C GLN D 134 6.80 7.08 31.07
N TYR D 135 8.11 7.30 30.96
CA TYR D 135 8.68 8.57 30.53
C TYR D 135 8.35 8.86 29.07
N PHE D 136 8.35 7.80 28.28
CA PHE D 136 8.03 7.90 26.86
C PHE D 136 6.54 8.05 26.59
N LYS D 137 5.70 7.61 27.53
CA LYS D 137 4.26 7.76 27.42
C LYS D 137 3.93 9.17 27.96
N ALA D 138 4.87 9.74 28.72
CA ALA D 138 4.75 11.06 29.31
C ALA D 138 5.22 12.16 28.35
N GLN D 139 6.22 11.87 27.53
CA GLN D 139 6.75 12.81 26.55
C GLN D 139 5.80 12.95 25.36
N THR D 140 5.16 11.85 24.98
CA THR D 140 4.21 11.83 23.86
C THR D 140 3.00 12.69 24.26
N GLU D 141 2.63 12.59 25.54
CA GLU D 141 1.51 13.35 26.11
C GLU D 141 1.86 14.81 26.30
N ALA D 142 3.13 15.08 26.58
CA ALA D 142 3.61 16.45 26.77
C ALA D 142 3.81 17.14 25.43
N ARG D 143 3.88 16.36 24.36
CA ARG D 143 4.05 16.91 23.02
C ARG D 143 2.72 17.35 22.40
N LYS D 144 1.61 16.77 22.87
CA LYS D 144 0.28 17.13 22.38
C LYS D 144 -0.23 18.41 23.06
N GLN D 145 0.37 18.73 24.21
CA GLN D 145 0.05 19.91 25.00
C GLN D 145 1.00 21.09 24.72
N MET D 146 1.81 20.94 23.67
CA MET D 146 2.78 21.95 23.24
C MET D 146 2.07 23.20 22.75
N SER D 147 2.64 24.38 23.05
CA SER D 147 2.07 25.67 22.66
C SER D 147 2.15 25.94 21.16
N LYS D 148 1.25 26.80 20.68
CA LYS D 148 1.13 27.21 19.27
C LYS D 148 2.42 27.87 18.72
N GLU D 149 3.12 28.61 19.59
CA GLU D 149 4.37 29.30 19.27
C GLU D 149 5.54 28.32 19.08
N GLU D 150 5.48 27.20 19.79
CA GLU D 150 6.50 26.14 19.71
C GLU D 150 6.26 25.24 18.51
N LYS D 151 5.01 24.85 18.31
CA LYS D 151 4.58 24.00 17.19
C LYS D 151 4.89 24.64 15.85
N LEU D 152 4.74 25.97 15.80
CA LEU D 152 4.99 26.77 14.61
C LEU D 152 6.50 26.87 14.34
N LYS D 153 7.31 26.71 15.39
CA LYS D 153 8.76 26.80 15.25
C LYS D 153 9.38 25.52 14.68
N ILE D 154 8.76 24.38 15.00
CA ILE D 154 9.22 23.06 14.52
C ILE D 154 8.74 22.87 13.07
N LYS D 155 7.51 23.32 12.79
CA LYS D 155 6.89 23.23 11.48
C LYS D 155 7.54 24.11 10.41
N GLU D 156 8.28 25.13 10.83
CA GLU D 156 8.94 26.04 9.90
C GLU D 156 10.38 25.61 9.58
N GLU D 157 11.04 25.01 10.57
CA GLU D 157 12.41 24.51 10.42
C GLU D 157 12.41 23.12 9.79
N ASN D 158 11.21 22.56 9.62
CA ASN D 158 10.97 21.25 9.01
C ASN D 158 10.72 21.52 7.53
N GLU D 159 10.16 22.69 7.23
CA GLU D 159 9.86 23.10 5.87
C GLU D 159 11.06 23.65 5.11
N LYS D 160 12.14 23.98 5.83
CA LYS D 160 13.37 24.45 5.20
C LYS D 160 14.25 23.23 4.89
N LEU D 161 14.08 22.16 5.68
CA LEU D 161 14.80 20.89 5.51
C LEU D 161 14.30 20.28 4.21
N LEU D 162 13.02 20.50 3.96
CA LEU D 162 12.32 20.04 2.78
C LEU D 162 12.75 20.83 1.53
N LYS D 163 13.23 22.05 1.73
CA LYS D 163 13.66 22.87 0.60
C LYS D 163 15.14 22.75 0.29
N GLU D 164 15.93 22.26 1.24
CA GLU D 164 17.37 22.11 1.04
C GLU D 164 17.80 20.71 0.61
N TYR D 165 17.13 19.70 1.20
CA TYR D 165 17.40 18.28 0.96
C TYR D 165 16.26 17.54 0.28
N GLY D 166 15.09 18.16 0.21
CA GLY D 166 13.91 17.54 -0.40
C GLY D 166 13.79 17.44 -1.91
N PHE D 167 14.54 18.26 -2.63
CA PHE D 167 14.56 18.27 -4.10
C PHE D 167 15.94 17.96 -4.67
N CYS D 168 15.97 17.45 -5.89
CA CYS D 168 17.20 17.15 -6.58
C CYS D 168 17.10 17.64 -8.01
N ILE D 169 18.23 17.83 -8.68
CA ILE D 169 18.16 18.27 -10.07
C ILE D 169 18.42 17.03 -10.92
N MET D 170 17.52 16.77 -11.86
CA MET D 170 17.69 15.65 -12.78
C MET D 170 17.27 16.09 -14.17
N ASP D 171 18.27 16.43 -15.00
CA ASP D 171 18.10 16.84 -16.39
C ASP D 171 17.28 18.09 -16.64
N ASN D 172 17.93 19.25 -16.52
CA ASN D 172 17.27 20.54 -16.78
C ASN D 172 16.06 20.92 -15.92
N HIS D 173 15.69 20.09 -14.95
CA HIS D 173 14.55 20.37 -14.10
C HIS D 173 14.75 19.92 -12.68
N LYS D 174 13.99 20.52 -11.78
CA LYS D 174 14.01 20.22 -10.35
C LYS D 174 12.92 19.17 -10.13
N GLU D 175 13.28 18.06 -9.51
CA GLU D 175 12.34 16.98 -9.21
C GLU D 175 12.39 16.70 -7.71
N ARG D 176 11.24 16.39 -7.11
CA ARG D 176 11.17 16.13 -5.66
C ARG D 176 11.68 14.73 -5.34
N ILE D 177 12.31 14.59 -4.17
CA ILE D 177 12.82 13.30 -3.71
C ILE D 177 11.74 12.57 -2.87
N ALA D 178 11.74 11.24 -2.91
CA ALA D 178 10.79 10.42 -2.17
C ALA D 178 10.99 10.38 -0.65
N ASN D 179 12.16 9.93 -0.21
CA ASN D 179 12.43 9.79 1.22
C ASN D 179 13.83 10.22 1.62
N PHE D 180 14.15 11.50 1.43
CA PHE D 180 15.49 12.04 1.75
C PHE D 180 16.01 11.74 3.16
N LYS D 181 15.10 11.38 4.07
CA LYS D 181 15.43 11.02 5.45
C LYS D 181 15.79 9.54 5.51
N ILE D 182 16.83 9.22 6.28
CA ILE D 182 17.25 7.83 6.46
C ILE D 182 16.60 7.28 7.73
N GLU D 183 16.12 6.04 7.60
CA GLU D 183 15.45 5.30 8.67
C GLU D 183 16.19 5.28 10.02
N PRO D 184 15.52 5.75 11.09
CA PRO D 184 16.13 5.76 12.42
C PRO D 184 16.27 4.34 12.97
N PRO D 185 17.32 4.07 13.77
CA PRO D 185 17.50 2.72 14.31
C PRO D 185 16.41 2.36 15.28
N GLY D 186 16.02 1.09 15.21
CA GLY D 186 14.98 0.56 16.07
C GLY D 186 14.97 -0.95 15.98
N LEU D 187 13.83 -1.56 16.32
CA LEU D 187 13.70 -3.01 16.30
C LEU D 187 12.76 -3.47 15.21
N PHE D 188 13.19 -4.51 14.50
CA PHE D 188 12.45 -5.11 13.42
C PHE D 188 11.32 -5.98 13.93
N ARG D 189 10.19 -5.94 13.23
CA ARG D 189 9.06 -6.78 13.58
C ARG D 189 8.64 -7.38 12.26
N GLY D 190 8.63 -6.56 11.21
CA GLY D 190 8.23 -7.02 9.89
C GLY D 190 6.77 -7.36 9.95
N ARG D 191 6.33 -8.28 9.09
CA ARG D 191 4.95 -8.70 9.06
C ARG D 191 4.78 -10.19 9.20
N GLY D 192 3.85 -10.55 10.08
CA GLY D 192 3.54 -11.94 10.36
C GLY D 192 4.58 -12.63 11.22
N ASN D 193 4.73 -13.93 10.98
CA ASN D 193 5.67 -14.75 11.71
C ASN D 193 7.07 -14.57 11.11
N HIS D 194 7.80 -13.58 11.61
CA HIS D 194 9.13 -13.32 11.09
C HIS D 194 10.18 -13.94 12.00
N PRO D 195 11.19 -14.64 11.43
CA PRO D 195 12.25 -15.26 12.22
C PRO D 195 13.28 -14.27 12.74
N LYS D 196 13.37 -13.11 12.08
CA LYS D 196 14.33 -12.09 12.47
C LYS D 196 13.69 -10.94 13.27
N MET D 197 12.42 -11.10 13.65
CA MET D 197 11.72 -10.08 14.46
C MET D 197 12.38 -9.90 15.81
N GLY D 198 12.65 -8.65 16.17
CA GLY D 198 13.30 -8.36 17.43
C GLY D 198 14.71 -7.88 17.29
N MET D 199 15.30 -8.11 16.11
CA MET D 199 16.67 -7.71 15.85
C MET D 199 16.80 -6.21 15.74
N LEU D 200 17.96 -5.71 16.19
CA LEU D 200 18.28 -4.28 16.17
C LEU D 200 18.66 -3.85 14.79
N LYS D 201 17.99 -2.80 14.29
CA LYS D 201 18.28 -2.23 12.99
C LYS D 201 19.36 -1.22 13.35
N ARG D 202 20.61 -1.47 12.96
CA ARG D 202 21.67 -0.52 13.32
C ARG D 202 21.67 0.75 12.52
N ARG D 203 22.07 1.82 13.20
CA ARG D 203 22.15 3.19 12.69
C ARG D 203 23.03 3.36 11.45
N ILE D 204 22.48 3.98 10.41
CA ILE D 204 23.23 4.17 9.18
C ILE D 204 24.18 5.39 9.25
N MET D 205 25.47 5.10 9.21
CA MET D 205 26.53 6.11 9.24
C MET D 205 26.83 6.53 7.79
N PRO D 206 27.46 7.70 7.55
CA PRO D 206 27.79 8.15 6.19
C PRO D 206 28.65 7.17 5.42
N GLU D 207 29.41 6.37 6.18
CA GLU D 207 30.33 5.35 5.68
C GLU D 207 29.63 4.10 5.18
N ASP D 208 28.30 4.10 5.24
CA ASP D 208 27.48 2.98 4.79
C ASP D 208 26.77 3.38 3.51
N ILE D 209 26.86 4.68 3.21
CA ILE D 209 26.20 5.32 2.08
C ILE D 209 26.98 5.40 0.76
N ILE D 210 26.33 4.93 -0.30
CA ILE D 210 26.86 4.98 -1.66
C ILE D 210 26.08 6.13 -2.33
N ILE D 211 26.81 7.12 -2.85
CA ILE D 211 26.22 8.29 -3.52
C ILE D 211 26.19 8.12 -5.03
N ASN D 212 25.15 8.65 -5.66
CA ASN D 212 25.00 8.59 -7.13
C ASN D 212 24.68 9.99 -7.64
N CYS D 213 25.55 10.51 -8.49
CA CYS D 213 25.35 11.84 -9.07
C CYS D 213 26.20 11.90 -10.34
N SER D 214 26.06 12.94 -11.16
CA SER D 214 26.87 13.02 -12.37
C SER D 214 28.26 13.61 -12.08
N LYS D 215 29.16 13.45 -13.05
CA LYS D 215 30.56 13.90 -12.96
C LYS D 215 30.66 15.44 -12.92
N ASP D 216 29.78 16.06 -13.69
CA ASP D 216 29.67 17.50 -13.84
C ASP D 216 28.87 18.18 -12.73
N ALA D 217 28.40 17.35 -11.79
CA ALA D 217 27.61 17.83 -10.67
C ALA D 217 28.41 18.03 -9.39
N LYS D 218 27.88 18.86 -8.50
CA LYS D 218 28.52 19.11 -7.22
C LYS D 218 28.22 17.94 -6.28
N VAL D 219 29.25 17.10 -6.07
CA VAL D 219 29.24 15.93 -5.20
C VAL D 219 28.93 16.46 -3.78
N PRO D 220 27.93 15.86 -3.09
CA PRO D 220 27.58 16.31 -1.73
C PRO D 220 28.69 16.16 -0.68
N SER D 221 28.63 17.02 0.32
CA SER D 221 29.60 17.03 1.37
C SER D 221 29.07 16.28 2.56
N PRO D 222 29.78 15.21 2.99
CA PRO D 222 29.38 14.38 4.14
C PRO D 222 29.53 15.15 5.43
N PRO D 223 28.79 14.75 6.50
CA PRO D 223 28.86 15.42 7.81
C PRO D 223 30.32 15.55 8.29
N PRO D 224 30.70 16.72 8.87
CA PRO D 224 32.06 16.98 9.36
C PRO D 224 32.81 15.82 10.02
N GLY D 225 33.96 15.49 9.41
CA GLY D 225 34.80 14.42 9.90
C GLY D 225 34.25 13.03 9.62
N HIS D 226 33.68 12.88 8.43
CA HIS D 226 33.11 11.62 7.93
C HIS D 226 33.37 11.53 6.43
N LYS D 227 33.16 10.34 5.87
CA LYS D 227 33.36 10.10 4.44
C LYS D 227 32.27 9.14 3.97
N TRP D 228 31.86 9.23 2.69
CA TRP D 228 30.84 8.32 2.13
C TRP D 228 31.53 7.03 1.76
N LYS D 229 30.77 5.92 1.65
CA LYS D 229 31.38 4.63 1.29
C LYS D 229 32.01 4.67 -0.10
N GLU D 230 31.25 5.12 -1.08
CA GLU D 230 31.69 5.18 -2.48
C GLU D 230 30.78 6.14 -3.25
N VAL D 231 31.38 7.04 -4.03
CA VAL D 231 30.61 8.01 -4.84
C VAL D 231 30.65 7.58 -6.30
N ARG D 232 29.56 6.99 -6.78
CA ARG D 232 29.49 6.55 -8.17
C ARG D 232 28.61 7.40 -9.07
N HIS D 233 28.76 7.21 -10.38
CA HIS D 233 27.99 7.94 -11.38
C HIS D 233 27.37 6.92 -12.34
N ASP D 234 26.39 6.18 -11.86
CA ASP D 234 25.77 5.14 -12.68
C ASP D 234 24.49 5.63 -13.34
N ASN D 235 24.56 6.00 -14.61
CA ASN D 235 23.39 6.49 -15.34
C ASN D 235 22.43 5.42 -15.84
N LYS D 236 22.74 4.17 -15.49
CA LYS D 236 21.93 3.02 -15.83
C LYS D 236 20.87 2.83 -14.73
N VAL D 237 21.08 3.50 -13.60
CA VAL D 237 20.18 3.39 -12.44
C VAL D 237 19.44 4.69 -12.08
N THR D 238 18.26 4.53 -11.48
CA THR D 238 17.39 5.64 -11.09
C THR D 238 17.56 6.22 -9.70
N TRP D 239 18.36 5.59 -8.83
CA TRP D 239 18.55 6.07 -7.45
C TRP D 239 19.59 7.13 -7.21
N LEU D 240 19.44 7.82 -6.08
CA LEU D 240 20.33 8.90 -5.68
C LEU D 240 21.31 8.51 -4.58
N VAL D 241 20.83 7.73 -3.62
CA VAL D 241 21.62 7.25 -2.48
C VAL D 241 21.20 5.80 -2.23
N SER D 242 22.15 4.93 -1.86
CA SER D 242 21.86 3.53 -1.54
C SER D 242 22.72 3.02 -0.43
N TRP D 243 22.24 1.99 0.27
CA TRP D 243 22.96 1.39 1.38
C TRP D 243 22.40 0.03 1.72
N THR D 244 23.17 -0.77 2.44
CA THR D 244 22.73 -2.10 2.85
C THR D 244 22.20 -2.00 4.29
N GLU D 245 21.09 -2.68 4.56
CA GLU D 245 20.51 -2.71 5.89
C GLU D 245 20.82 -4.09 6.48
N ASN D 246 21.27 -4.10 7.73
CA ASN D 246 21.66 -5.31 8.44
C ASN D 246 20.70 -6.49 8.72
N ILE D 247 19.39 -6.30 8.59
CA ILE D 247 18.45 -7.39 8.87
C ILE D 247 18.45 -8.50 7.83
N GLN D 248 18.07 -8.17 6.59
CA GLN D 248 18.04 -9.13 5.47
C GLN D 248 19.19 -8.92 4.48
N GLY D 249 19.94 -7.83 4.64
CA GLY D 249 21.06 -7.54 3.75
C GLY D 249 20.71 -6.99 2.37
N SER D 250 19.43 -6.68 2.15
CA SER D 250 18.91 -6.12 0.88
C SER D 250 19.25 -4.63 0.78
N ILE D 251 19.40 -4.13 -0.44
CA ILE D 251 19.77 -2.71 -0.62
C ILE D 251 18.55 -1.78 -0.59
N LYS D 252 18.61 -0.80 0.31
CA LYS D 252 17.56 0.21 0.53
C LYS D 252 17.92 1.43 -0.31
N TYR D 253 16.92 2.14 -0.88
CA TYR D 253 17.19 3.29 -1.77
C TYR D 253 16.42 4.59 -1.54
N ILE D 254 17.02 5.69 -2.00
CA ILE D 254 16.41 7.01 -1.95
C ILE D 254 16.11 7.30 -3.41
N MET D 255 14.82 7.17 -3.75
CA MET D 255 14.34 7.38 -5.10
C MET D 255 13.64 8.73 -5.24
N LEU D 256 13.25 9.07 -6.46
CA LEU D 256 12.53 10.32 -6.71
C LEU D 256 11.02 10.15 -6.42
N ASN D 257 10.36 11.26 -6.14
CA ASN D 257 8.91 11.31 -5.85
C ASN D 257 8.14 10.93 -7.10
N PRO D 258 7.01 10.21 -6.96
CA PRO D 258 6.17 9.79 -8.08
C PRO D 258 5.82 10.80 -9.15
N SER D 259 5.84 12.10 -8.79
CA SER D 259 5.52 13.19 -9.73
C SER D 259 6.59 13.37 -10.79
N SER D 260 7.76 12.77 -10.53
CA SER D 260 8.92 12.84 -11.41
C SER D 260 8.76 12.04 -12.71
N ARG D 261 9.59 12.41 -13.69
CA ARG D 261 9.61 11.79 -15.02
C ARG D 261 10.00 10.34 -14.92
N ILE D 262 11.10 10.08 -14.23
CA ILE D 262 11.65 8.74 -14.05
C ILE D 262 10.69 7.69 -13.48
N LYS D 263 9.87 8.11 -12.52
CA LYS D 263 8.90 7.22 -11.91
C LYS D 263 7.60 7.21 -12.69
N GLY D 264 7.36 8.30 -13.44
CA GLY D 264 6.15 8.45 -14.21
C GLY D 264 6.12 7.78 -15.58
N GLU D 265 7.19 8.00 -16.35
CA GLU D 265 7.34 7.42 -17.67
C GLU D 265 7.30 5.90 -17.63
N LYS D 266 7.67 5.35 -16.46
CA LYS D 266 7.69 3.93 -16.24
C LYS D 266 6.30 3.44 -15.81
N ASP D 267 5.56 4.29 -15.10
CA ASP D 267 4.22 3.95 -14.61
C ASP D 267 3.22 3.95 -15.77
N TRP D 268 3.49 4.80 -16.76
CA TRP D 268 2.68 4.95 -17.96
C TRP D 268 2.94 3.69 -18.79
N GLN D 269 4.23 3.38 -18.94
CA GLN D 269 4.71 2.23 -19.69
C GLN D 269 4.04 0.95 -19.21
N LYS D 270 3.91 0.84 -17.89
CA LYS D 270 3.28 -0.30 -17.21
C LYS D 270 1.85 -0.52 -17.71
N TYR D 271 1.07 0.56 -17.68
CA TYR D 271 -0.34 0.55 -18.09
C TYR D 271 -0.53 0.46 -19.58
N GLU D 272 0.54 0.67 -20.34
CA GLU D 272 0.46 0.56 -21.80
C GLU D 272 0.75 -0.89 -22.16
N THR D 273 1.48 -1.59 -21.28
CA THR D 273 1.83 -3.00 -21.49
C THR D 273 0.70 -3.89 -20.94
N ALA D 274 -0.32 -3.25 -20.36
CA ALA D 274 -1.48 -3.95 -19.86
C ALA D 274 -2.52 -3.91 -20.99
N ARG D 275 -2.36 -2.93 -21.87
CA ARG D 275 -3.22 -2.74 -23.04
C ARG D 275 -2.73 -3.64 -24.15
N ARG D 276 -1.40 -3.80 -24.23
CA ARG D 276 -0.78 -4.65 -25.25
C ARG D 276 -1.11 -6.10 -25.00
N LEU D 277 -1.58 -6.37 -23.77
CA LEU D 277 -2.02 -7.70 -23.36
C LEU D 277 -3.48 -7.87 -23.74
N LYS D 278 -4.27 -6.81 -23.55
CA LYS D 278 -5.72 -6.79 -23.86
C LYS D 278 -6.10 -7.22 -25.28
N LYS D 279 -5.32 -6.77 -26.27
CA LYS D 279 -5.57 -7.08 -27.68
C LYS D 279 -5.30 -8.55 -28.08
N CYS D 280 -4.66 -9.31 -27.19
CA CYS D 280 -4.40 -10.74 -27.40
C CYS D 280 -4.52 -11.58 -26.09
N VAL D 281 -5.28 -11.07 -25.12
CA VAL D 281 -5.52 -11.75 -23.83
C VAL D 281 -6.40 -12.98 -24.04
N ASP D 282 -7.43 -12.80 -24.86
CA ASP D 282 -8.39 -13.84 -25.19
C ASP D 282 -7.71 -14.96 -25.97
N LYS D 283 -6.68 -14.59 -26.74
CA LYS D 283 -5.87 -15.53 -27.53
C LYS D 283 -5.09 -16.45 -26.57
N ILE D 284 -4.53 -15.85 -25.50
CA ILE D 284 -3.75 -16.59 -24.49
C ILE D 284 -4.65 -17.35 -23.51
N ARG D 285 -5.79 -16.76 -23.17
CA ARG D 285 -6.76 -17.37 -22.25
C ARG D 285 -7.46 -18.58 -22.89
N ASN D 286 -7.33 -18.71 -24.22
CA ASN D 286 -7.89 -19.81 -24.99
C ASN D 286 -6.76 -20.68 -25.53
N GLN D 287 -5.58 -20.50 -24.95
CA GLN D 287 -4.40 -21.27 -25.32
C GLN D 287 -4.09 -22.19 -24.17
N TYR D 288 -4.08 -21.66 -22.95
CA TYR D 288 -3.79 -22.46 -21.77
C TYR D 288 -4.86 -23.50 -21.47
N ARG D 289 -6.05 -23.27 -22.03
CA ARG D 289 -7.19 -24.17 -21.90
C ARG D 289 -6.91 -25.45 -22.66
N GLU D 290 -6.34 -25.29 -23.85
CA GLU D 290 -5.99 -26.42 -24.70
C GLU D 290 -4.73 -27.11 -24.16
N ASP D 291 -3.93 -26.36 -23.39
CA ASP D 291 -2.70 -26.88 -22.80
C ASP D 291 -2.95 -27.70 -21.53
N TRP D 292 -4.22 -27.80 -21.12
CA TRP D 292 -4.61 -28.61 -19.97
C TRP D 292 -4.71 -30.06 -20.44
N LYS D 293 -4.81 -30.22 -21.77
CA LYS D 293 -4.90 -31.51 -22.46
C LYS D 293 -3.59 -31.85 -23.17
N SER D 294 -2.50 -31.20 -22.76
CA SER D 294 -1.17 -31.41 -23.37
C SER D 294 -0.50 -32.72 -23.02
N LYS D 295 0.52 -33.07 -23.81
CA LYS D 295 1.28 -34.31 -23.64
C LYS D 295 2.17 -34.32 -22.39
N GLU D 296 3.14 -33.40 -22.36
CA GLU D 296 4.10 -33.28 -21.27
C GLU D 296 3.53 -32.75 -19.95
N MET D 297 4.23 -33.08 -18.86
CA MET D 297 3.84 -32.68 -17.51
C MET D 297 4.16 -31.20 -17.23
N LYS D 298 5.32 -30.74 -17.70
CA LYS D 298 5.79 -29.35 -17.53
C LYS D 298 4.85 -28.33 -18.15
N VAL D 299 4.30 -28.68 -19.32
CA VAL D 299 3.37 -27.84 -20.09
C VAL D 299 1.97 -27.82 -19.45
N ARG D 300 1.63 -28.92 -18.78
CA ARG D 300 0.35 -29.08 -18.10
C ARG D 300 0.28 -28.33 -16.77
N GLN D 301 1.44 -28.12 -16.15
CA GLN D 301 1.54 -27.42 -14.86
C GLN D 301 1.50 -25.91 -15.06
N ARG D 302 2.35 -25.44 -15.97
CA ARG D 302 2.50 -24.05 -16.38
C ARG D 302 1.17 -23.38 -16.75
N ALA D 303 0.29 -24.19 -17.32
CA ALA D 303 -1.03 -23.77 -17.77
C ALA D 303 -2.06 -23.56 -16.66
N VAL D 304 -2.07 -24.45 -15.66
CA VAL D 304 -3.00 -24.38 -14.52
C VAL D 304 -2.57 -23.22 -13.63
N ALA D 305 -1.27 -22.97 -13.61
CA ALA D 305 -0.65 -21.90 -12.85
C ALA D 305 -1.14 -20.56 -13.40
N LEU D 306 -1.06 -20.43 -14.73
CA LEU D 306 -1.47 -19.24 -15.47
C LEU D 306 -2.96 -18.89 -15.30
N TYR D 307 -3.77 -19.92 -15.05
CA TYR D 307 -5.21 -19.83 -14.83
C TYR D 307 -5.50 -19.14 -13.49
N PHE D 308 -4.78 -19.59 -12.45
CA PHE D 308 -4.87 -19.09 -11.08
C PHE D 308 -4.53 -17.60 -10.98
N ILE D 309 -3.49 -17.18 -11.72
CA ILE D 309 -3.01 -15.80 -11.75
C ILE D 309 -4.03 -14.89 -12.45
N ASP D 310 -4.52 -15.37 -13.59
CA ASP D 310 -5.47 -14.65 -14.42
C ASP D 310 -6.86 -14.49 -13.83
N LYS D 311 -7.60 -15.60 -13.75
CA LYS D 311 -8.98 -15.60 -13.26
C LYS D 311 -9.14 -15.45 -11.74
N LEU D 312 -8.28 -16.11 -10.96
CA LEU D 312 -8.38 -16.06 -9.49
C LEU D 312 -7.54 -15.03 -8.73
N ALA D 313 -6.63 -14.37 -9.43
CA ALA D 313 -5.75 -13.33 -8.89
C ALA D 313 -4.80 -13.75 -7.78
N LEU D 314 -3.72 -14.40 -8.19
CA LEU D 314 -2.64 -14.85 -7.31
C LEU D 314 -1.36 -14.21 -7.84
N ARG D 315 -0.44 -13.90 -6.93
CA ARG D 315 0.84 -13.32 -7.29
C ARG D 315 1.69 -14.51 -7.70
N ALA D 316 2.60 -14.32 -8.66
CA ALA D 316 3.46 -15.42 -9.12
C ALA D 316 4.49 -15.66 -8.04
N GLY D 317 4.34 -16.75 -7.31
CA GLY D 317 5.24 -17.04 -6.19
C GLY D 317 6.73 -17.29 -6.34
N ASN D 318 7.52 -16.25 -6.08
CA ASN D 318 8.99 -16.34 -6.14
C ASN D 318 9.48 -17.13 -4.95
N GLU D 319 10.41 -18.04 -5.24
CA GLU D 319 11.04 -18.90 -4.26
C GLU D 319 11.95 -18.09 -3.31
N LYS D 320 11.58 -18.04 -2.05
CA LYS D 320 12.36 -17.30 -1.05
C LYS D 320 13.03 -18.22 -0.05
N GLU D 321 14.18 -17.79 0.47
CA GLU D 321 14.97 -18.54 1.46
C GLU D 321 14.24 -18.79 2.77
N GLU D 322 14.29 -20.03 3.24
CA GLU D 322 13.62 -20.41 4.47
C GLU D 322 14.47 -20.11 5.69
N GLY D 323 13.83 -19.51 6.70
CA GLY D 323 14.51 -19.16 7.94
C GLY D 323 15.07 -17.75 7.93
N GLU D 324 14.75 -17.00 6.87
CA GLU D 324 15.19 -15.61 6.71
C GLU D 324 13.99 -14.68 6.68
N THR D 325 12.91 -15.16 6.07
CA THR D 325 11.64 -14.43 5.97
C THR D 325 10.51 -15.33 6.44
N ALA D 326 9.30 -14.78 6.50
CA ALA D 326 8.10 -15.52 6.92
C ALA D 326 7.69 -16.58 5.92
N ASP D 327 6.96 -17.59 6.39
CA ASP D 327 6.50 -18.69 5.55
C ASP D 327 5.19 -18.27 4.91
N THR D 328 5.31 -17.62 3.74
CA THR D 328 4.16 -17.15 2.94
C THR D 328 4.46 -17.57 1.51
N VAL D 329 3.43 -17.96 0.77
CA VAL D 329 3.61 -18.39 -0.62
C VAL D 329 2.79 -17.61 -1.65
N GLY D 330 2.90 -18.06 -2.90
CA GLY D 330 2.19 -17.51 -4.02
C GLY D 330 2.02 -18.67 -4.99
N CYS D 331 1.44 -18.40 -6.16
CA CYS D 331 1.19 -19.41 -7.20
C CYS D 331 2.27 -20.45 -7.49
N CYS D 332 3.39 -20.01 -8.06
CA CYS D 332 4.50 -20.89 -8.43
C CYS D 332 5.29 -21.44 -7.25
N SER D 333 4.79 -21.19 -6.04
CA SER D 333 5.43 -21.65 -4.82
C SER D 333 4.43 -22.30 -3.89
N LEU D 334 3.20 -22.51 -4.37
CA LEU D 334 2.12 -23.14 -3.60
C LEU D 334 2.45 -24.58 -3.27
N ARG D 335 2.08 -25.01 -2.06
CA ARG D 335 2.33 -26.37 -1.60
C ARG D 335 1.04 -27.19 -1.53
N VAL D 336 1.21 -28.51 -1.43
CA VAL D 336 0.11 -29.48 -1.38
C VAL D 336 -0.86 -29.22 -0.21
N GLU D 337 -0.32 -28.77 0.92
CA GLU D 337 -1.12 -28.48 2.10
C GLU D 337 -2.03 -27.26 1.96
N HIS D 338 -1.65 -26.37 1.04
CA HIS D 338 -2.37 -25.11 0.79
C HIS D 338 -3.69 -25.18 0.00
N ILE D 339 -3.91 -26.28 -0.73
CA ILE D 339 -5.16 -26.47 -1.47
C ILE D 339 -5.83 -27.81 -1.16
N ASN D 340 -7.14 -27.77 -0.99
CA ASN D 340 -7.94 -28.97 -0.71
C ASN D 340 -9.04 -29.11 -1.76
N LEU D 341 -9.17 -30.31 -2.30
CA LEU D 341 -10.15 -30.63 -3.35
C LEU D 341 -11.45 -31.25 -2.80
N HIS D 342 -12.58 -30.76 -3.29
CA HIS D 342 -13.93 -31.23 -2.91
C HIS D 342 -14.84 -31.29 -4.14
N PRO D 343 -15.48 -32.45 -4.42
CA PRO D 343 -16.37 -32.64 -5.58
C PRO D 343 -17.61 -31.75 -5.67
N GLU D 344 -18.43 -31.73 -4.61
CA GLU D 344 -19.64 -30.91 -4.61
C GLU D 344 -19.86 -30.30 -3.23
N LEU D 345 -19.62 -29.00 -3.16
CA LEU D 345 -19.79 -28.22 -1.94
C LEU D 345 -20.91 -27.19 -2.16
N ASP D 346 -21.92 -27.26 -1.28
CA ASP D 346 -23.10 -26.39 -1.27
C ASP D 346 -23.88 -26.18 -2.61
N GLY D 347 -23.81 -27.20 -3.48
CA GLY D 347 -24.53 -27.16 -4.75
C GLY D 347 -23.78 -27.13 -6.07
N GLN D 348 -22.53 -26.69 -6.08
CA GLN D 348 -21.74 -26.61 -7.31
C GLN D 348 -20.62 -27.63 -7.46
N GLU D 349 -20.43 -28.08 -8.71
CA GLU D 349 -19.43 -29.09 -9.08
C GLU D 349 -18.00 -28.57 -9.17
N TYR D 350 -17.05 -29.46 -8.86
CA TYR D 350 -15.58 -29.22 -8.89
C TYR D 350 -15.05 -28.00 -8.14
N VAL D 351 -15.14 -28.03 -6.81
CA VAL D 351 -14.70 -26.93 -5.95
C VAL D 351 -13.28 -27.11 -5.39
N VAL D 352 -12.49 -26.03 -5.45
CA VAL D 352 -11.11 -26.00 -4.94
C VAL D 352 -11.07 -25.00 -3.79
N GLU D 353 -10.69 -25.48 -2.61
CA GLU D 353 -10.61 -24.65 -1.40
C GLU D 353 -9.16 -24.24 -1.08
N PHE D 354 -8.87 -22.95 -1.27
CA PHE D 354 -7.55 -22.36 -1.01
C PHE D 354 -7.46 -21.85 0.41
N ASP D 355 -6.34 -22.13 1.09
CA ASP D 355 -6.08 -21.65 2.45
C ASP D 355 -4.58 -21.48 2.67
N PHE D 356 -4.10 -20.26 2.46
CA PHE D 356 -2.69 -19.91 2.59
C PHE D 356 -2.50 -18.44 2.85
N LEU D 357 -1.31 -18.12 3.37
CA LEU D 357 -0.91 -16.75 3.66
C LEU D 357 -0.15 -16.23 2.44
N GLY D 358 -0.61 -15.12 1.88
CA GLY D 358 0.04 -14.52 0.72
C GLY D 358 1.04 -13.46 1.13
N LYS D 359 1.31 -12.49 0.26
CA LYS D 359 2.25 -11.41 0.56
C LYS D 359 1.73 -10.65 1.78
N ASP D 360 2.67 -10.28 2.66
CA ASP D 360 2.40 -9.54 3.91
C ASP D 360 1.52 -10.37 4.87
N SER D 361 1.61 -11.70 4.76
CA SER D 361 0.87 -12.67 5.58
C SER D 361 -0.67 -12.59 5.53
N ILE D 362 -1.19 -11.99 4.46
CA ILE D 362 -2.62 -11.83 4.25
C ILE D 362 -3.20 -13.09 3.60
N ARG D 363 -4.20 -13.67 4.28
CA ARG D 363 -4.89 -14.91 3.90
C ARG D 363 -5.86 -14.85 2.70
N TYR D 364 -5.72 -15.82 1.79
CA TYR D 364 -6.61 -15.93 0.65
C TYR D 364 -7.42 -17.21 0.81
N TYR D 365 -8.70 -17.04 1.16
CA TYR D 365 -9.63 -18.15 1.35
C TYR D 365 -10.61 -18.11 0.18
N ASN D 366 -10.52 -19.11 -0.70
CA ASN D 366 -11.40 -19.15 -1.85
C ASN D 366 -11.92 -20.52 -2.28
N LYS D 367 -13.25 -20.68 -2.20
CA LYS D 367 -13.94 -21.90 -2.61
C LYS D 367 -14.34 -21.55 -4.05
N VAL D 368 -13.75 -22.23 -5.03
CA VAL D 368 -14.04 -21.88 -6.42
C VAL D 368 -14.35 -23.00 -7.43
N PRO D 369 -15.56 -22.94 -8.07
CA PRO D 369 -15.96 -23.93 -9.07
C PRO D 369 -15.17 -23.69 -10.35
N VAL D 370 -14.32 -24.66 -10.68
CA VAL D 370 -13.46 -24.63 -11.86
C VAL D 370 -14.03 -25.49 -12.99
N GLU D 371 -13.21 -25.75 -14.02
CA GLU D 371 -13.59 -26.60 -15.16
C GLU D 371 -13.24 -28.06 -14.79
N LYS D 372 -13.69 -29.01 -15.61
CA LYS D 372 -13.43 -30.44 -15.37
C LYS D 372 -11.94 -30.83 -15.45
N ARG D 373 -11.28 -30.42 -16.54
CA ARG D 373 -9.87 -30.71 -16.81
C ARG D 373 -8.85 -30.05 -15.87
N VAL D 374 -9.32 -29.18 -14.97
CA VAL D 374 -8.46 -28.48 -14.00
C VAL D 374 -8.41 -29.30 -12.71
N PHE D 375 -9.59 -29.64 -12.20
CA PHE D 375 -9.79 -30.42 -10.99
C PHE D 375 -9.15 -31.80 -11.10
N LYS D 376 -9.16 -32.34 -12.32
CA LYS D 376 -8.59 -33.66 -12.64
C LYS D 376 -7.07 -33.56 -12.76
N ASN D 377 -6.59 -32.37 -13.12
CA ASN D 377 -5.16 -32.09 -13.29
C ASN D 377 -4.47 -31.90 -11.94
N LEU D 378 -5.18 -31.28 -10.99
CA LEU D 378 -4.67 -31.02 -9.64
C LEU D 378 -4.45 -32.30 -8.82
N GLN D 379 -5.12 -33.37 -9.24
CA GLN D 379 -5.01 -34.69 -8.64
C GLN D 379 -3.70 -35.34 -9.08
N LEU D 380 -3.31 -35.07 -10.32
CA LEU D 380 -2.08 -35.60 -10.90
C LEU D 380 -0.85 -34.91 -10.32
N PHE D 381 -1.06 -33.68 -9.83
CA PHE D 381 0.01 -32.86 -9.23
C PHE D 381 0.21 -33.19 -7.75
N MET D 382 -0.87 -33.60 -7.08
CA MET D 382 -0.84 -33.96 -5.66
C MET D 382 -0.57 -35.44 -5.40
N GLU D 383 -0.43 -36.20 -6.50
CA GLU D 383 -0.15 -37.64 -6.51
C GLU D 383 1.24 -37.96 -5.95
N ASN D 384 1.30 -39.00 -5.11
CA ASN D 384 2.53 -39.49 -4.42
C ASN D 384 3.42 -38.41 -3.74
N LYS D 385 2.77 -37.35 -3.28
CA LYS D 385 3.44 -36.22 -2.63
C LYS D 385 2.92 -35.98 -1.22
N GLN D 386 3.81 -35.48 -0.37
CA GLN D 386 3.54 -35.16 1.03
C GLN D 386 3.01 -33.71 1.14
N PRO D 387 2.36 -33.33 2.27
CA PRO D 387 1.85 -31.95 2.42
C PRO D 387 2.90 -30.82 2.35
N GLU D 388 4.12 -31.11 2.79
CA GLU D 388 5.22 -30.14 2.80
C GLU D 388 5.88 -29.86 1.45
N ASP D 389 5.56 -30.68 0.45
CA ASP D 389 6.13 -30.55 -0.90
C ASP D 389 5.36 -29.57 -1.80
N ASP D 390 6.10 -28.95 -2.72
CA ASP D 390 5.57 -27.98 -3.68
C ASP D 390 4.69 -28.63 -4.76
N LEU D 391 3.42 -28.21 -4.78
CA LEU D 391 2.40 -28.67 -5.73
C LEU D 391 2.89 -28.65 -7.18
N PHE D 392 3.41 -27.50 -7.60
CA PHE D 392 3.93 -27.29 -8.96
C PHE D 392 5.45 -27.44 -9.05
N ASP D 393 5.94 -28.68 -9.16
CA ASP D 393 7.38 -28.87 -9.32
C ASP D 393 7.62 -28.69 -10.84
N ARG D 394 8.86 -28.76 -11.31
CA ARG D 394 9.20 -28.58 -12.74
C ARG D 394 8.69 -27.21 -13.28
N LEU D 395 8.56 -26.25 -12.35
CA LEU D 395 8.06 -24.90 -12.61
C LEU D 395 8.46 -23.94 -11.49
N ASN D 396 8.70 -22.68 -11.86
CA ASN D 396 9.03 -21.59 -10.94
C ASN D 396 8.52 -20.30 -11.58
N THR D 397 9.08 -19.15 -11.21
CA THR D 397 8.65 -17.87 -11.80
C THR D 397 9.39 -17.60 -13.11
N GLY D 398 10.65 -18.06 -13.18
CA GLY D 398 11.48 -17.88 -14.37
C GLY D 398 11.06 -18.75 -15.52
N ILE D 399 10.57 -19.96 -15.21
CA ILE D 399 10.07 -20.89 -16.21
C ILE D 399 8.72 -20.39 -16.73
N LEU D 400 7.92 -19.80 -15.85
CA LEU D 400 6.63 -19.22 -16.22
C LEU D 400 6.82 -17.98 -17.07
N ASN D 401 7.75 -17.11 -16.65
CA ASN D 401 8.05 -15.84 -17.34
C ASN D 401 8.72 -15.97 -18.72
N LYS D 402 9.46 -17.05 -18.95
CA LYS D 402 10.12 -17.29 -20.24
C LYS D 402 9.06 -17.60 -21.32
N HIS D 403 8.01 -18.32 -20.91
CA HIS D 403 6.88 -18.68 -21.79
C HIS D 403 6.05 -17.43 -22.04
N LEU D 404 5.89 -16.60 -21.01
CA LEU D 404 5.13 -15.36 -21.13
C LEU D 404 5.83 -14.32 -22.01
N GLN D 405 7.13 -14.53 -22.25
CA GLN D 405 7.91 -13.63 -23.08
C GLN D 405 7.77 -14.06 -24.54
N ASP D 406 7.51 -15.36 -24.72
CA ASP D 406 7.32 -15.94 -26.04
C ASP D 406 5.84 -15.99 -26.42
N LEU D 407 5.03 -15.32 -25.62
CA LEU D 407 3.60 -15.20 -25.86
C LEU D 407 3.35 -13.74 -26.25
N MET D 408 4.17 -12.84 -25.70
CA MET D 408 4.11 -11.39 -25.92
C MET D 408 5.37 -10.71 -25.38
N GLU D 409 5.88 -9.73 -26.11
CA GLU D 409 7.09 -8.98 -25.73
C GLU D 409 6.81 -8.09 -24.52
N GLY D 410 7.62 -8.26 -23.47
CA GLY D 410 7.47 -7.48 -22.26
C GLY D 410 6.54 -8.06 -21.20
N LEU D 411 5.79 -9.10 -21.59
CA LEU D 411 4.84 -9.77 -20.69
C LEU D 411 5.49 -10.56 -19.55
N THR D 412 5.09 -10.22 -18.33
CA THR D 412 5.57 -10.89 -17.12
C THR D 412 4.33 -11.14 -16.29
N ALA D 413 4.41 -12.05 -15.33
CA ALA D 413 3.27 -12.42 -14.49
C ALA D 413 2.47 -11.34 -13.72
N LYS D 414 3.07 -10.16 -13.52
CA LYS D 414 2.35 -9.11 -12.79
C LYS D 414 1.47 -8.23 -13.70
N VAL D 415 1.63 -8.36 -15.01
CA VAL D 415 0.82 -7.63 -15.99
C VAL D 415 -0.63 -8.16 -15.97
N PHE D 416 -0.77 -9.40 -15.48
CA PHE D 416 -2.07 -10.05 -15.38
C PHE D 416 -2.91 -9.55 -14.24
N ARG D 417 -2.31 -8.75 -13.37
CA ARG D 417 -3.05 -8.20 -12.23
C ARG D 417 -3.44 -6.78 -12.60
N THR D 418 -2.59 -6.15 -13.42
CA THR D 418 -2.77 -4.78 -13.90
C THR D 418 -3.90 -4.74 -14.91
N TYR D 419 -3.85 -5.67 -15.87
CA TYR D 419 -4.87 -5.81 -16.90
C TYR D 419 -6.21 -6.13 -16.20
N ASN D 420 -6.27 -7.28 -15.53
CA ASN D 420 -7.45 -7.77 -14.84
C ASN D 420 -8.07 -6.81 -13.85
N ALA D 421 -7.30 -5.83 -13.41
CA ALA D 421 -7.78 -4.82 -12.46
C ALA D 421 -8.32 -3.62 -13.21
N SER D 422 -7.53 -3.15 -14.20
CA SER D 422 -7.89 -1.99 -15.02
C SER D 422 -9.09 -2.19 -15.91
N ILE D 423 -9.22 -3.39 -16.47
CA ILE D 423 -10.34 -3.70 -17.34
C ILE D 423 -11.63 -3.82 -16.52
N THR D 424 -11.51 -4.42 -15.33
CA THR D 424 -12.61 -4.64 -14.39
C THR D 424 -13.09 -3.31 -13.80
N LEU D 425 -12.22 -2.31 -13.73
CA LEU D 425 -12.63 -1.01 -13.22
C LEU D 425 -13.46 -0.33 -14.31
N GLN D 426 -13.04 -0.49 -15.57
CA GLN D 426 -13.75 0.10 -16.70
C GLN D 426 -15.14 -0.51 -16.92
N GLN D 427 -15.23 -1.85 -16.86
CA GLN D 427 -16.49 -2.60 -17.03
C GLN D 427 -17.52 -2.22 -15.96
N GLN D 428 -17.05 -2.14 -14.71
CA GLN D 428 -17.87 -1.80 -13.55
C GLN D 428 -18.33 -0.34 -13.46
N LEU D 429 -17.59 0.56 -14.10
CA LEU D 429 -17.95 1.98 -14.11
C LEU D 429 -19.02 2.21 -15.18
N LYS D 430 -18.91 1.44 -16.27
CA LYS D 430 -19.84 1.46 -17.40
C LYS D 430 -21.19 0.87 -16.96
N GLU D 431 -21.20 0.31 -15.74
CA GLU D 431 -22.37 -0.31 -15.15
C GLU D 431 -22.98 0.45 -13.99
N LEU D 432 -22.14 1.06 -13.16
CA LEU D 432 -22.66 1.76 -12.00
C LEU D 432 -22.93 3.25 -12.10
N THR D 433 -22.60 3.85 -13.25
CA THR D 433 -22.84 5.28 -13.42
C THR D 433 -24.11 5.57 -14.21
N ALA D 434 -25.14 5.99 -13.46
CA ALA D 434 -26.43 6.34 -14.03
C ALA D 434 -26.41 7.83 -14.41
N PRO D 435 -26.76 8.15 -15.68
CA PRO D 435 -26.79 9.52 -16.23
C PRO D 435 -27.64 10.57 -15.52
N ASP D 436 -28.61 10.10 -14.75
CA ASP D 436 -29.54 10.97 -14.03
C ASP D 436 -29.13 11.27 -12.59
N GLU D 437 -28.10 10.58 -12.08
CA GLU D 437 -27.59 10.77 -10.72
C GLU D 437 -26.85 12.07 -10.50
N ASN D 438 -26.88 12.58 -9.27
CA ASN D 438 -26.18 13.81 -8.89
C ASN D 438 -24.70 13.47 -8.62
N ILE D 439 -23.87 14.48 -8.41
CA ILE D 439 -22.43 14.29 -8.18
C ILE D 439 -21.99 13.32 -7.03
N PRO D 440 -22.46 13.49 -5.76
CA PRO D 440 -22.03 12.56 -4.71
C PRO D 440 -22.42 11.09 -4.89
N ALA D 441 -23.48 10.85 -5.66
CA ALA D 441 -23.95 9.49 -5.92
C ALA D 441 -23.08 8.81 -6.97
N LYS D 442 -22.46 9.64 -7.81
CA LYS D 442 -21.56 9.19 -8.87
C LYS D 442 -20.24 8.75 -8.25
N ILE D 443 -19.87 9.41 -7.14
CA ILE D 443 -18.65 9.12 -6.41
C ILE D 443 -18.80 7.73 -5.75
N LEU D 444 -20.00 7.44 -5.23
CA LEU D 444 -20.33 6.15 -4.59
C LEU D 444 -20.11 5.03 -5.57
N SER D 445 -20.41 5.33 -6.84
CA SER D 445 -20.28 4.39 -7.94
C SER D 445 -18.82 4.05 -8.22
N TYR D 446 -17.97 5.08 -8.22
CA TYR D 446 -16.53 4.93 -8.46
C TYR D 446 -15.89 4.13 -7.33
N ASN D 447 -16.38 4.37 -6.11
CA ASN D 447 -15.90 3.67 -4.93
C ASN D 447 -16.36 2.21 -4.99
N ARG D 448 -17.61 2.00 -5.44
CA ARG D 448 -18.20 0.66 -5.58
C ARG D 448 -17.49 -0.18 -6.63
N ALA D 449 -16.97 0.51 -7.64
CA ALA D 449 -16.24 -0.09 -8.75
C ALA D 449 -14.78 -0.37 -8.35
N ASN D 450 -14.26 0.49 -7.47
CA ASN D 450 -12.90 0.42 -6.91
C ASN D 450 -12.86 -0.80 -5.98
N ARG D 451 -13.96 -0.95 -5.24
CA ARG D 451 -14.20 -2.02 -4.27
C ARG D 451 -14.15 -3.38 -4.95
N ALA D 452 -14.78 -3.45 -6.12
CA ALA D 452 -14.86 -4.66 -6.93
C ALA D 452 -13.48 -5.19 -7.34
N VAL D 453 -12.54 -4.25 -7.51
CA VAL D 453 -11.17 -4.55 -7.90
C VAL D 453 -10.36 -4.96 -6.67
N ALA D 454 -10.71 -4.36 -5.54
CA ALA D 454 -10.04 -4.63 -4.26
C ALA D 454 -10.29 -6.04 -3.76
N ILE D 455 -11.49 -6.56 -4.04
CA ILE D 455 -11.89 -7.91 -3.62
C ILE D 455 -11.19 -8.96 -4.47
N LEU D 456 -11.02 -8.67 -5.77
CA LEU D 456 -10.38 -9.60 -6.69
C LEU D 456 -8.88 -9.69 -6.48
N CYS D 457 -8.20 -8.54 -6.50
CA CYS D 457 -6.75 -8.46 -6.32
C CYS D 457 -6.27 -8.70 -4.88
N ASN D 458 -7.16 -9.27 -4.06
CA ASN D 458 -6.97 -9.62 -2.64
C ASN D 458 -6.26 -8.56 -1.79
N HIS D 459 -6.98 -7.47 -1.52
CA HIS D 459 -6.44 -6.40 -0.69
C HIS D 459 -7.27 -6.30 0.58
N GLN D 460 -7.42 -7.45 1.22
CA GLN D 460 -8.17 -7.62 2.47
C GLN D 460 -7.58 -6.81 3.61
N ARG D 461 -8.44 -6.53 4.59
CA ARG D 461 -8.07 -5.73 5.75
C ARG D 461 -8.79 -6.23 7.00
N ALA D 462 -8.29 -5.82 8.16
CA ALA D 462 -8.86 -6.16 9.45
C ALA D 462 -9.58 -4.89 9.94
N PRO D 463 -10.82 -5.02 10.47
CA PRO D 463 -11.59 -3.87 10.96
C PRO D 463 -10.87 -3.11 12.11
N PRO D 464 -10.66 -1.77 11.96
CA PRO D 464 -9.98 -0.94 12.97
C PRO D 464 -10.51 -1.08 14.41
N LYS D 465 -9.58 -1.32 15.34
CA LYS D 465 -9.85 -1.53 16.77
C LYS D 465 -10.70 -0.46 17.45
N THR D 466 -11.93 -0.84 17.80
CA THR D 466 -12.93 0.01 18.47
C THR D 466 -13.35 1.32 17.75
N PHE D 467 -12.82 1.52 16.53
CA PHE D 467 -13.12 2.70 15.71
C PHE D 467 -14.34 2.52 14.82
N GLU D 468 -14.72 1.25 14.58
CA GLU D 468 -15.90 0.91 13.77
C GLU D 468 -17.20 0.99 14.55
N LYS D 469 -17.11 1.42 15.80
CA LYS D 469 -18.24 1.60 16.69
C LYS D 469 -18.72 3.05 16.60
N SER D 470 -17.97 3.85 15.83
CA SER D 470 -18.28 5.26 15.58
C SER D 470 -19.26 5.31 14.40
N MET D 471 -19.76 4.14 14.04
CA MET D 471 -20.75 3.92 12.98
C MET D 471 -22.09 4.33 13.58
N MET D 472 -22.14 4.30 14.92
CA MET D 472 -23.30 4.69 15.72
C MET D 472 -23.43 6.22 15.67
N ASN D 473 -22.28 6.88 15.61
CA ASN D 473 -22.20 8.34 15.55
C ASN D 473 -22.41 8.90 14.15
N LEU D 474 -22.24 8.05 13.13
CA LEU D 474 -22.45 8.44 11.73
C LEU D 474 -23.89 8.20 11.31
N GLN D 475 -24.55 7.24 11.97
CA GLN D 475 -25.95 6.90 11.72
C GLN D 475 -26.89 7.87 12.44
N THR D 476 -26.39 8.50 13.50
CA THR D 476 -27.15 9.50 14.26
C THR D 476 -27.03 10.88 13.62
N LYS D 477 -26.37 10.92 12.46
CA LYS D 477 -26.21 12.12 11.65
C LYS D 477 -27.19 12.01 10.49
N ILE D 478 -27.56 10.77 10.19
CA ILE D 478 -28.52 10.43 9.13
C ILE D 478 -29.92 10.45 9.77
N ASP D 479 -30.01 9.95 11.01
CA ASP D 479 -31.27 9.93 11.76
C ASP D 479 -31.65 11.31 12.31
N ALA D 480 -30.68 12.22 12.27
CA ALA D 480 -30.87 13.61 12.70
C ALA D 480 -31.34 14.44 11.51
N LYS D 481 -31.01 13.96 10.31
CA LYS D 481 -31.41 14.61 9.06
C LYS D 481 -32.84 14.20 8.70
N LYS D 482 -33.28 13.08 9.27
CA LYS D 482 -34.64 12.56 9.08
C LYS D 482 -35.57 13.35 9.99
N GLU D 483 -35.02 13.86 11.10
CA GLU D 483 -35.76 14.70 12.06
C GLU D 483 -36.05 16.05 11.42
N GLN D 484 -35.11 16.49 10.57
CA GLN D 484 -35.18 17.75 9.83
C GLN D 484 -36.09 17.65 8.61
N LEU D 485 -36.22 16.45 8.06
CA LEU D 485 -37.09 16.21 6.89
C LEU D 485 -38.53 15.92 7.35
N ALA D 486 -38.68 15.50 8.61
CA ALA D 486 -40.00 15.21 9.23
C ALA D 486 -40.65 16.52 9.70
N ASP D 487 -39.98 17.62 9.36
CA ASP D 487 -40.41 18.98 9.67
C ASP D 487 -40.52 19.72 8.33
N ALA D 488 -39.84 19.20 7.31
CA ALA D 488 -39.86 19.77 5.97
C ALA D 488 -41.06 19.27 5.17
N ARG D 489 -41.43 17.99 5.39
CA ARG D 489 -42.58 17.37 4.72
C ARG D 489 -43.88 17.84 5.35
N ARG D 490 -43.78 18.22 6.63
CA ARG D 490 -44.91 18.73 7.40
C ARG D 490 -44.98 20.27 7.36
N ASP D 491 -44.07 20.88 6.60
CA ASP D 491 -44.01 22.34 6.39
C ASP D 491 -44.62 22.53 5.01
N LEU D 492 -44.50 21.49 4.17
CA LEU D 492 -45.02 21.45 2.81
C LEU D 492 -46.53 21.18 2.86
N LYS D 493 -46.96 20.47 3.91
CA LYS D 493 -48.36 20.14 4.11
C LYS D 493 -49.16 21.34 4.62
N SER D 494 -48.45 22.38 5.05
CA SER D 494 -49.06 23.62 5.54
C SER D 494 -49.10 24.65 4.40
N ALA D 495 -48.51 24.29 3.26
CA ALA D 495 -48.46 25.13 2.07
C ALA D 495 -49.63 24.76 1.14
N LYS D 496 -49.99 23.48 1.16
CA LYS D 496 -51.09 22.92 0.37
C LYS D 496 -52.45 22.93 1.11
N ALA D 497 -52.40 23.05 2.44
CA ALA D 497 -53.60 23.10 3.28
C ALA D 497 -54.04 24.55 3.51
N ASP D 498 -53.20 25.49 3.06
CA ASP D 498 -53.47 26.92 3.16
C ASP D 498 -53.77 27.46 1.77
N ALA D 499 -53.69 26.58 0.77
CA ALA D 499 -53.99 26.90 -0.62
C ALA D 499 -55.49 26.74 -0.84
N LYS D 500 -56.13 26.01 0.08
CA LYS D 500 -57.58 25.74 0.08
C LYS D 500 -58.32 27.01 0.49
N VAL D 501 -57.84 27.64 1.58
CA VAL D 501 -58.41 28.88 2.10
C VAL D 501 -57.53 30.06 1.66
N MET D 502 -58.06 30.84 0.71
CA MET D 502 -57.42 32.02 0.09
C MET D 502 -56.22 31.65 -0.80
N LYS D 503 -56.48 31.48 -2.09
CA LYS D 503 -55.48 31.11 -3.10
C LYS D 503 -55.07 32.33 -3.94
N ASP D 504 -53.85 32.82 -3.69
CA ASP D 504 -53.31 33.98 -4.40
C ASP D 504 -51.80 33.82 -4.70
N ALA D 505 -51.17 34.91 -5.15
CA ALA D 505 -49.74 34.93 -5.50
C ALA D 505 -48.78 34.88 -4.31
N LYS D 506 -49.29 35.10 -3.10
CA LYS D 506 -48.51 35.05 -1.86
C LYS D 506 -48.55 33.64 -1.28
N THR D 507 -49.65 32.93 -1.55
CA THR D 507 -49.85 31.56 -1.06
C THR D 507 -49.26 30.53 -2.04
N LYS D 508 -49.01 30.99 -3.27
CA LYS D 508 -48.43 30.17 -4.34
C LYS D 508 -46.90 30.10 -4.19
N LYS D 509 -46.35 31.10 -3.50
CA LYS D 509 -44.91 31.20 -3.24
C LYS D 509 -44.49 30.31 -2.07
N VAL D 510 -45.45 29.95 -1.21
CA VAL D 510 -45.22 29.08 -0.05
C VAL D 510 -45.15 27.62 -0.55
N VAL D 511 -45.74 27.38 -1.71
CA VAL D 511 -45.75 26.05 -2.34
C VAL D 511 -44.50 25.93 -3.24
N GLU D 512 -43.72 27.01 -3.29
CA GLU D 512 -42.49 27.07 -4.08
C GLU D 512 -41.27 27.04 -3.16
N SER D 513 -41.27 27.96 -2.18
CA SER D 513 -40.17 28.10 -1.20
C SER D 513 -40.06 26.99 -0.15
N LYS D 514 -41.17 26.29 0.08
CA LYS D 514 -41.21 25.20 1.06
C LYS D 514 -41.23 23.83 0.36
N LYS D 515 -40.90 23.83 -0.93
CA LYS D 515 -40.83 22.63 -1.75
C LYS D 515 -39.38 22.53 -2.24
N LYS D 516 -38.72 23.70 -2.27
CA LYS D 516 -37.32 23.85 -2.66
C LYS D 516 -36.45 23.37 -1.50
N ALA D 517 -36.96 23.56 -0.29
CA ALA D 517 -36.29 23.18 0.95
C ALA D 517 -36.38 21.69 1.22
N VAL D 518 -37.49 21.06 0.80
CA VAL D 518 -37.71 19.62 0.97
C VAL D 518 -36.76 18.86 0.05
N GLN D 519 -36.54 19.42 -1.14
CA GLN D 519 -35.67 18.85 -2.15
C GLN D 519 -34.18 19.04 -1.82
N ARG D 520 -33.85 20.12 -1.14
CA ARG D 520 -32.46 20.42 -0.75
C ARG D 520 -32.00 19.66 0.49
N LEU D 521 -32.95 19.35 1.41
CA LEU D 521 -32.64 18.59 2.63
C LEU D 521 -32.65 17.09 2.33
N GLU D 522 -33.33 16.72 1.24
CA GLU D 522 -33.44 15.32 0.79
C GLU D 522 -32.17 14.91 0.04
N GLU D 523 -31.52 15.88 -0.61
CA GLU D 523 -30.28 15.62 -1.35
C GLU D 523 -29.07 15.61 -0.41
N GLN D 524 -29.30 15.99 0.85
CA GLN D 524 -28.26 15.99 1.88
C GLN D 524 -28.33 14.67 2.63
N LEU D 525 -29.55 14.12 2.73
CA LEU D 525 -29.82 12.84 3.40
C LEU D 525 -29.33 11.72 2.48
N MET D 526 -29.44 11.95 1.17
CA MET D 526 -29.02 11.03 0.12
C MET D 526 -27.50 10.96 0.09
N LYS D 527 -26.87 12.12 0.30
CA LYS D 527 -25.40 12.27 0.32
C LYS D 527 -24.78 11.56 1.55
N LEU D 528 -25.47 11.64 2.68
CA LEU D 528 -25.02 11.01 3.92
C LEU D 528 -25.37 9.52 4.02
N GLU D 529 -26.27 9.05 3.14
CA GLU D 529 -26.65 7.65 3.08
C GLU D 529 -25.76 6.96 2.04
N VAL D 530 -25.23 7.76 1.13
CA VAL D 530 -24.32 7.33 0.06
C VAL D 530 -22.93 7.10 0.66
N GLN D 531 -22.47 8.09 1.45
CA GLN D 531 -21.17 8.06 2.11
C GLN D 531 -21.13 7.11 3.30
N ALA D 532 -22.30 6.57 3.67
CA ALA D 532 -22.43 5.63 4.77
C ALA D 532 -22.34 4.18 4.29
N THR D 533 -22.82 3.94 3.06
CA THR D 533 -22.80 2.62 2.42
C THR D 533 -21.36 2.30 1.97
N ASP D 534 -20.55 3.35 1.88
CA ASP D 534 -19.14 3.28 1.50
C ASP D 534 -18.38 2.60 2.64
N ARG D 535 -18.45 3.20 3.83
CA ARG D 535 -17.78 2.73 5.04
C ARG D 535 -18.16 1.34 5.56
N GLU D 536 -19.39 0.91 5.28
CA GLU D 536 -19.87 -0.41 5.72
C GLU D 536 -19.39 -1.56 4.84
N GLU D 537 -19.47 -1.36 3.52
CA GLU D 537 -19.05 -2.37 2.54
C GLU D 537 -17.53 -2.40 2.32
N ASN D 538 -16.87 -1.27 2.58
CA ASN D 538 -15.41 -1.15 2.43
C ASN D 538 -14.69 -1.32 3.77
N LYS D 539 -15.32 -2.07 4.68
CA LYS D 539 -14.78 -2.35 6.01
C LYS D 539 -13.59 -3.32 5.97
N GLN D 540 -13.81 -4.46 5.33
CA GLN D 540 -12.78 -5.51 5.23
C GLN D 540 -11.87 -5.51 3.99
N ILE D 541 -11.85 -4.40 3.24
CA ILE D 541 -10.99 -4.25 2.03
C ILE D 541 -10.36 -2.87 1.91
N ALA D 542 -9.34 -2.75 1.06
CA ALA D 542 -8.63 -1.49 0.84
C ALA D 542 -8.48 -1.14 -0.64
N LEU D 543 -8.95 0.05 -1.00
CA LEU D 543 -8.93 0.57 -2.38
C LEU D 543 -7.55 1.08 -2.77
N GLY D 544 -6.84 1.59 -1.76
CA GLY D 544 -5.51 2.18 -1.92
C GLY D 544 -4.49 1.61 -2.89
N THR D 545 -4.08 0.36 -2.66
CA THR D 545 -3.08 -0.36 -3.48
C THR D 545 -3.46 -0.45 -4.96
N SER D 546 -4.72 -0.80 -5.20
CA SER D 546 -5.30 -0.94 -6.53
C SER D 546 -5.32 0.41 -7.22
N LYS D 547 -5.83 1.41 -6.50
CA LYS D 547 -5.98 2.79 -6.96
C LYS D 547 -4.67 3.37 -7.48
N LEU D 548 -3.59 3.15 -6.74
CA LEU D 548 -2.29 3.67 -7.12
C LEU D 548 -1.46 2.77 -8.03
N SER D 549 -1.44 1.48 -7.73
CA SER D 549 -0.58 0.59 -8.48
C SER D 549 -1.16 -0.39 -9.51
N PTR D 550 -2.48 -0.46 -9.62
CA PTR D 550 -3.13 -1.40 -10.57
C PTR D 550 -4.14 -0.83 -11.59
O PTR D 550 -4.33 -1.39 -12.67
CB PTR D 550 -3.79 -2.54 -9.80
CG PTR D 550 -2.81 -3.43 -9.09
CD1 PTR D 550 -2.70 -3.43 -7.69
CD2 PTR D 550 -1.95 -4.28 -9.83
CE1 PTR D 550 -1.77 -4.26 -7.02
CE2 PTR D 550 -1.01 -5.11 -9.18
CZ PTR D 550 -0.91 -5.09 -7.79
OH PTR D 550 0.05 -5.90 -7.22
P PTR D 550 0.38 -5.96 -5.67
O1P PTR D 550 -0.82 -6.32 -4.86
O2P PTR D 550 1.64 -6.70 -5.42
O3P PTR D 550 0.73 -4.46 -5.23
N LEU D 551 -4.77 0.29 -11.22
CA LEU D 551 -5.76 0.94 -12.07
C LEU D 551 -5.16 2.09 -12.88
N ASP D 552 -5.31 2.01 -14.21
CA ASP D 552 -4.84 3.09 -15.11
C ASP D 552 -5.67 4.31 -14.75
N PRO D 553 -5.00 5.42 -14.42
CA PRO D 553 -5.69 6.65 -14.06
C PRO D 553 -6.44 7.34 -15.17
N ARG D 554 -6.12 7.02 -16.42
CA ARG D 554 -6.79 7.61 -17.54
C ARG D 554 -8.25 7.13 -17.60
N ILE D 555 -8.51 5.96 -17.01
CA ILE D 555 -9.84 5.35 -16.94
C ILE D 555 -10.71 6.18 -16.00
N THR D 556 -10.04 6.74 -14.99
CA THR D 556 -10.69 7.57 -13.99
C THR D 556 -10.91 8.99 -14.51
N VAL D 557 -9.92 9.53 -15.23
CA VAL D 557 -9.98 10.88 -15.78
C VAL D 557 -11.00 10.99 -16.88
N ALA D 558 -11.10 9.93 -17.69
CA ALA D 558 -12.06 9.85 -18.78
C ALA D 558 -13.45 9.90 -18.15
N TRP D 559 -13.61 9.11 -17.09
CA TRP D 559 -14.85 9.02 -16.32
C TRP D 559 -15.24 10.39 -15.75
N CYS D 560 -14.27 11.09 -15.16
CA CYS D 560 -14.51 12.40 -14.56
C CYS D 560 -14.84 13.52 -15.54
N LYS D 561 -14.34 13.39 -16.77
CA LYS D 561 -14.60 14.38 -17.83
C LYS D 561 -15.93 14.06 -18.51
N LYS D 562 -16.29 12.78 -18.50
CA LYS D 562 -17.53 12.29 -19.11
C LYS D 562 -18.76 12.68 -18.31
N TRP D 563 -18.66 12.54 -16.99
CA TRP D 563 -19.78 12.86 -16.11
C TRP D 563 -19.67 14.22 -15.44
N GLY D 564 -18.66 15.00 -15.85
CA GLY D 564 -18.42 16.34 -15.32
C GLY D 564 -17.98 16.43 -13.87
N VAL D 565 -17.73 15.27 -13.27
CA VAL D 565 -17.29 15.16 -11.88
C VAL D 565 -15.85 15.71 -11.78
N PRO D 566 -15.61 16.74 -10.93
CA PRO D 566 -14.24 17.27 -10.81
C PRO D 566 -13.27 16.27 -10.17
N ILE D 567 -12.14 16.07 -10.84
CA ILE D 567 -11.07 15.14 -10.47
C ILE D 567 -10.59 15.20 -9.01
N GLU D 568 -10.64 16.42 -8.45
CA GLU D 568 -10.24 16.73 -7.08
C GLU D 568 -11.10 16.04 -6.01
N LYS D 569 -12.24 15.49 -6.45
CA LYS D 569 -13.18 14.78 -5.59
C LYS D 569 -12.91 13.28 -5.57
N ILE D 570 -12.03 12.83 -6.47
CA ILE D 570 -11.64 11.42 -6.57
C ILE D 570 -10.16 11.30 -6.15
N TYR D 571 -9.32 12.08 -6.80
CA TYR D 571 -7.87 12.07 -6.54
C TYR D 571 -7.45 13.22 -5.62
N ASN D 572 -6.77 12.86 -4.52
CA ASN D 572 -6.28 13.81 -3.53
C ASN D 572 -5.04 14.61 -4.00
N LYS D 573 -4.45 15.38 -3.09
CA LYS D 573 -3.28 16.22 -3.38
C LYS D 573 -2.03 15.49 -3.92
N THR D 574 -1.72 14.34 -3.31
CA THR D 574 -0.55 13.53 -3.69
C THR D 574 -0.72 12.80 -5.03
N GLN D 575 -1.85 12.09 -5.17
CA GLN D 575 -2.18 11.30 -6.37
C GLN D 575 -2.45 12.14 -7.61
N ARG D 576 -2.81 13.40 -7.39
CA ARG D 576 -3.09 14.33 -8.49
C ARG D 576 -1.77 14.76 -9.14
N GLU D 577 -0.70 14.71 -8.36
CA GLU D 577 0.64 15.08 -8.82
C GLU D 577 1.37 13.86 -9.41
N LYS D 578 1.02 12.67 -8.91
CA LYS D 578 1.57 11.39 -9.36
C LYS D 578 1.03 11.07 -10.77
N PHE D 579 -0.27 11.24 -10.91
CA PHE D 579 -1.01 10.98 -12.14
C PHE D 579 -1.24 12.22 -13.00
N ALA D 580 -0.37 13.21 -12.84
CA ALA D 580 -0.42 14.47 -13.60
C ALA D 580 -0.49 14.27 -15.13
N TRP D 581 0.17 13.21 -15.59
CA TRP D 581 0.24 12.83 -17.00
C TRP D 581 -1.11 12.36 -17.53
N ALA D 582 -1.91 11.81 -16.63
CA ALA D 582 -3.23 11.31 -16.98
C ALA D 582 -4.28 12.40 -16.89
N ILE D 583 -4.06 13.39 -16.02
CA ILE D 583 -5.00 14.48 -15.83
C ILE D 583 -4.97 15.47 -17.01
N ASP D 584 -3.81 15.59 -17.65
CA ASP D 584 -3.62 16.46 -18.81
C ASP D 584 -4.06 15.69 -20.06
N MET D 585 -3.22 14.75 -20.48
CA MET D 585 -3.44 13.92 -21.67
C MET D 585 -4.39 12.74 -21.40
N ALA D 586 -5.68 12.96 -21.70
CA ALA D 586 -6.79 12.00 -21.56
C ALA D 586 -8.13 12.71 -21.74
N ASP D 587 -8.85 12.34 -22.79
CA ASP D 587 -10.15 12.91 -23.09
C ASP D 587 -11.25 12.03 -22.50
N GLU D 588 -12.51 12.46 -22.62
CA GLU D 588 -13.67 11.73 -22.12
C GLU D 588 -13.88 10.41 -22.87
N ASP D 589 -13.21 10.29 -24.01
CA ASP D 589 -13.31 9.13 -24.87
C ASP D 589 -12.22 8.07 -24.74
N TYR D 590 -11.43 8.12 -23.67
CA TYR D 590 -10.36 7.12 -23.46
C TYR D 590 -10.93 5.73 -23.16
N GLU D 591 -10.42 4.75 -23.90
CA GLU D 591 -10.83 3.37 -23.73
C GLU D 591 -9.58 2.53 -23.54
N PHE D 592 -9.45 1.95 -22.35
CA PHE D 592 -8.32 1.08 -22.00
C PHE D 592 -8.43 -0.14 -22.91
O1 SA3 E . 10.83 1.22 5.32
C6 SA3 E . 10.03 1.09 4.63
C5 SA3 E . 9.11 0.12 4.94
C4 SA3 E . 8.01 -0.11 4.09
C3 SA3 E . 7.82 0.64 2.93
C2 SA3 E . 8.77 1.71 2.52
N9 SA3 E . 8.24 2.23 1.29
C1 SA3 E . 9.87 1.90 3.42
C11 SA3 E . 6.77 0.50 1.99
C15 SA3 E . 5.62 -0.34 1.87
C18 SA3 E . 5.12 -1.41 2.73
O37 SA3 E . 5.58 -1.82 3.77
N17 SA3 E . 4.00 -1.88 2.16
C14 SA3 E . 4.73 -0.23 0.77
C16 SA3 E . 3.69 -1.24 0.99
O38 SA3 E . 2.71 -1.49 0.27
C13 SA3 E . 4.95 0.76 -0.26
C21 SA3 E . 4.33 1.19 -1.49
C20 SA3 E . 5.12 2.30 -2.05
N19 SA3 E . 6.15 2.47 -1.20
C12 SA3 E . 6.09 1.60 -0.15
C10 SA3 E . 7.05 1.49 1.00
C25 SA3 E . 3.18 0.76 -2.16
C24 SA3 E . 2.81 1.39 -3.38
C23 SA3 E . 3.58 2.48 -3.93
C22 SA3 E . 4.77 2.95 -3.25
O2 SA3 E . 3.25 2.95 -4.89
C31 SA3 E . 8.67 3.28 0.36
C32 SA3 E . 8.98 4.79 0.44
O32 SA3 E . 8.14 5.51 -0.43
C33 SA3 E . 10.47 4.84 0.11
O33 SA3 E . 10.96 3.95 1.09
C34 SA3 E . 10.83 4.26 -1.31
O34 SA3 E . 10.40 5.12 -2.33
C35 SA3 E . 10.18 2.86 -1.51
C36 SA3 E . 11.00 1.70 -0.89
O36 SA3 E . 12.32 1.70 -1.45
O5 SA3 E . 8.86 2.87 -0.98
#